data_4UTR
#
_entry.id   4UTR
#
_cell.length_a   87.220
_cell.length_b   87.220
_cell.length_c   314.040
_cell.angle_alpha   90.00
_cell.angle_beta   90.00
_cell.angle_gamma   120.00
#
_symmetry.space_group_name_H-M   'P 65 2 2'
#
loop_
_entity.id
_entity.type
_entity.pdbx_description
1 polymer 'NAD-DEPENDENT PROTEIN DEACYLASE SIRTUIN-5, MITOCHONDRIAL'
2 polymer 'GLUTARYL-CPS1 PEPTIDE'
3 non-polymer 'ZINC ION'
4 non-polymer 1,2-ETHANEDIOL
5 non-polymer 'DIMETHYL SULFOXIDE'
6 non-polymer 'SODIUM ION'
7 non-polymer 'GLUTARIC ACID'
8 water water
#
loop_
_entity_poly.entity_id
_entity_poly.type
_entity_poly.pdbx_seq_one_letter_code
_entity_poly.pdbx_strand_id
1 'polypeptide(L)'
;GIDPFTTRPSSDLTAFREHFAKAKHIAIITGAGVSAESGVPTFRGPGGFWRKWQAQDLATPEAFSRDPSLVWEFYHYRRE
VMRSKMPNPAHLAIAECEARLGQQGRSVVIITQNIDELHHRAGSKHVYEIHGSLFKTRCMSCGEVKANHKSPICPALDGK
GAPDPNTKEARIPVELLPRCERKSCNGLLRPHVVWFGETLDSDILTAVERELEKCDLCLVVGTSSIVYPAAMFAPQVASR
GVPVAEFNMECTPATQRFKYHFEGPCGSTLPPALE
;
A,B
2 'polypeptide(L)' (BEZ)GVLKEYGV C
#
# COMPACT_ATOMS: atom_id res chain seq x y z
N ASP A 12 23.11 9.80 -10.21
CA ASP A 12 22.68 9.21 -11.50
C ASP A 12 21.85 7.94 -11.32
N LEU A 13 20.58 8.11 -11.63
CA LEU A 13 19.59 7.02 -11.50
C LEU A 13 19.98 5.80 -12.36
N THR A 14 20.47 6.07 -13.58
CA THR A 14 20.86 4.98 -14.47
C THR A 14 22.03 4.19 -13.88
N ALA A 15 23.00 4.86 -13.27
CA ALA A 15 24.12 4.13 -12.66
C ALA A 15 23.62 3.34 -11.46
N PHE A 16 22.70 3.90 -10.68
CA PHE A 16 22.13 3.13 -9.57
C PHE A 16 21.42 1.89 -10.11
N ARG A 17 20.63 2.07 -11.17
CA ARG A 17 19.87 0.94 -11.69
C ARG A 17 20.75 -0.15 -12.28
N GLU A 18 21.94 0.20 -12.77
CA GLU A 18 22.91 -0.82 -13.17
C GLU A 18 23.31 -1.70 -11.98
N HIS A 19 23.52 -1.12 -10.81
CA HIS A 19 23.78 -1.92 -9.62
C HIS A 19 22.56 -2.70 -9.20
N PHE A 20 21.41 -2.06 -9.22
CA PHE A 20 20.16 -2.75 -8.88
C PHE A 20 19.92 -4.03 -9.72
N ALA A 21 20.16 -3.93 -11.03
CA ALA A 21 19.95 -5.08 -11.94
C ALA A 21 20.78 -6.30 -11.55
N LYS A 22 21.93 -6.08 -10.92
CA LYS A 22 22.94 -7.10 -10.64
C LYS A 22 22.85 -7.62 -9.20
N ALA A 23 22.23 -6.83 -8.33
CA ALA A 23 22.26 -7.14 -6.90
C ALA A 23 21.49 -8.44 -6.59
N LYS A 24 22.12 -9.36 -5.87
CA LYS A 24 21.47 -10.59 -5.40
C LYS A 24 20.90 -10.50 -3.99
N HIS A 25 21.28 -9.50 -3.23
CA HIS A 25 20.89 -9.40 -1.82
C HIS A 25 20.87 -7.93 -1.40
N ILE A 26 19.68 -7.37 -1.29
CA ILE A 26 19.51 -5.96 -1.01
C ILE A 26 19.07 -5.81 0.42
N ALA A 27 19.71 -4.91 1.14
CA ALA A 27 19.26 -4.55 2.46
C ALA A 27 18.68 -3.15 2.38
N ILE A 28 17.45 -3.00 2.87
CA ILE A 28 16.82 -1.69 2.88
C ILE A 28 16.58 -1.26 4.29
N ILE A 29 17.21 -0.18 4.70
CA ILE A 29 17.06 0.38 6.07
C ILE A 29 16.10 1.55 5.97
N THR A 30 15.10 1.57 6.84
CA THR A 30 14.09 2.66 6.80
C THR A 30 13.95 3.37 8.13
N GLY A 31 13.86 4.72 8.05
CA GLY A 31 13.72 5.57 9.22
C GLY A 31 12.43 6.35 9.16
N ALA A 32 12.36 7.37 10.02
CA ALA A 32 11.07 7.98 10.27
C ALA A 32 10.50 8.70 9.07
N GLY A 33 11.35 9.09 8.10
CA GLY A 33 10.81 9.73 6.93
C GLY A 33 9.78 8.92 6.13
N VAL A 34 9.94 7.61 6.18
CA VAL A 34 9.01 6.79 5.41
C VAL A 34 7.64 6.71 6.05
N SER A 35 7.60 7.04 7.35
CA SER A 35 6.33 6.95 8.12
C SER A 35 5.69 8.32 8.20
N ALA A 36 6.52 9.37 8.18
CA ALA A 36 5.95 10.72 8.14
C ALA A 36 5.12 10.93 6.87
N GLU A 37 5.57 10.36 5.75
CA GLU A 37 4.86 10.48 4.49
C GLU A 37 3.54 9.66 4.39
N SER A 38 3.29 8.86 5.40
CA SER A 38 1.99 8.17 5.48
C SER A 38 1.07 8.97 6.39
N GLY A 39 1.49 10.14 6.85
CA GLY A 39 0.66 10.94 7.75
C GLY A 39 0.79 10.59 9.23
N VAL A 40 1.91 9.99 9.61
CA VAL A 40 2.08 9.31 10.90
C VAL A 40 3.00 10.14 11.77
N PRO A 41 2.45 10.71 12.83
CA PRO A 41 3.28 11.59 13.64
C PRO A 41 4.42 10.83 14.32
N THR A 42 5.56 11.49 14.46
CA THR A 42 6.69 10.85 15.04
C THR A 42 6.71 11.34 16.45
N PHE A 43 6.36 12.59 16.67
CA PHE A 43 6.47 13.18 18.02
C PHE A 43 7.88 13.67 18.43
N ARG A 44 8.69 13.90 17.41
CA ARG A 44 9.98 14.47 17.62
C ARG A 44 10.11 15.54 16.55
N GLY A 45 10.40 16.78 16.95
CA GLY A 45 10.33 17.89 16.04
C GLY A 45 9.31 18.84 16.62
N PRO A 46 9.27 20.06 16.10
CA PRO A 46 8.46 21.11 16.71
C PRO A 46 6.95 20.77 16.78
N GLY A 47 6.46 20.04 15.79
CA GLY A 47 5.03 19.67 15.75
C GLY A 47 4.67 18.53 16.70
N GLY A 48 5.67 17.90 17.30
CA GLY A 48 5.54 16.52 17.74
C GLY A 48 5.24 16.55 19.21
N PHE A 49 4.17 17.27 19.51
CA PHE A 49 3.59 17.25 20.86
C PHE A 49 2.32 16.42 20.94
N TRP A 50 2.19 15.73 22.05
CA TRP A 50 0.95 15.04 22.40
C TRP A 50 0.61 15.52 23.80
N ARG A 51 -0.53 16.19 23.99
CA ARG A 51 -0.76 16.91 25.23
C ARG A 51 0.49 17.77 25.48
N LYS A 52 1.02 17.82 26.69
CA LYS A 52 2.15 18.70 26.92
C LYS A 52 3.52 18.10 26.51
N TRP A 53 3.51 16.82 26.15
CA TRP A 53 4.74 16.05 26.07
C TRP A 53 5.17 15.73 24.66
N GLN A 54 6.46 15.43 24.53
CA GLN A 54 7.04 14.97 23.29
C GLN A 54 7.41 13.55 23.51
N ALA A 55 7.79 12.87 22.45
CA ALA A 55 8.03 11.42 22.58
C ALA A 55 9.07 11.07 23.63
N GLN A 56 10.15 11.84 23.64
CA GLN A 56 11.28 11.67 24.54
C GLN A 56 10.89 11.65 26.00
N ASP A 57 9.82 12.34 26.38
CA ASP A 57 9.43 12.38 27.79
C ASP A 57 8.67 11.11 28.19
N LEU A 58 8.09 10.44 27.20
CA LEU A 58 7.13 9.41 27.55
C LEU A 58 7.65 8.01 27.28
N ALA A 59 8.48 7.88 26.27
CA ALA A 59 8.93 6.54 25.81
C ALA A 59 10.17 6.13 26.62
N THR A 60 9.96 5.96 27.92
CA THR A 60 11.00 5.63 28.86
C THR A 60 10.42 4.79 29.99
N PRO A 61 11.23 3.89 30.57
CA PRO A 61 10.72 3.05 31.66
C PRO A 61 10.37 3.85 32.93
N GLU A 62 10.99 5.02 33.11
CA GLU A 62 10.69 5.86 34.26
C GLU A 62 9.29 6.48 34.12
N ALA A 63 8.93 6.90 32.92
CA ALA A 63 7.57 7.41 32.71
C ALA A 63 6.56 6.26 32.97
N PHE A 64 6.85 5.08 32.42
CA PHE A 64 5.93 3.96 32.58
C PHE A 64 5.81 3.50 34.03
N SER A 65 6.89 3.55 34.78
CA SER A 65 6.88 3.12 36.15
C SER A 65 6.02 4.06 36.98
N ARG A 66 6.12 5.36 36.69
CA ARG A 66 5.52 6.39 37.55
C ARG A 66 4.14 6.84 37.08
N ASP A 67 3.82 6.58 35.82
CA ASP A 67 2.50 6.91 35.32
C ASP A 67 2.14 6.01 34.14
N PRO A 68 1.92 4.74 34.43
CA PRO A 68 1.64 3.80 33.35
C PRO A 68 0.36 4.15 32.57
N SER A 69 -0.64 4.70 33.26
CA SER A 69 -1.86 5.07 32.55
C SER A 69 -1.59 6.15 31.51
N LEU A 70 -0.75 7.14 31.85
CA LEU A 70 -0.44 8.22 30.91
C LEU A 70 0.29 7.66 29.68
N VAL A 71 1.25 6.76 29.92
CA VAL A 71 2.05 6.20 28.82
C VAL A 71 1.15 5.32 27.96
N TRP A 72 0.25 4.55 28.58
CA TRP A 72 -0.68 3.75 27.78
C TRP A 72 -1.67 4.60 27.01
N GLU A 73 -2.12 5.73 27.55
CA GLU A 73 -2.99 6.65 26.80
C GLU A 73 -2.30 7.12 25.52
N PHE A 74 -1.02 7.44 25.64
CA PHE A 74 -0.19 7.89 24.52
C PHE A 74 -0.05 6.78 23.48
N TYR A 75 0.29 5.57 23.90
CA TYR A 75 0.42 4.47 22.95
C TYR A 75 -0.95 4.06 22.35
N HIS A 76 -2.02 4.19 23.14
CA HIS A 76 -3.33 3.86 22.61
C HIS A 76 -3.72 4.85 21.51
N TYR A 77 -3.49 6.13 21.78
CA TYR A 77 -3.69 7.16 20.76
C TYR A 77 -2.96 6.77 19.48
N ARG A 78 -1.68 6.45 19.59
CA ARG A 78 -0.88 6.08 18.41
C ARG A 78 -1.40 4.85 17.68
N ARG A 79 -1.74 3.80 18.43
CA ARG A 79 -2.35 2.62 17.82
C ARG A 79 -3.61 3.00 17.05
N GLU A 80 -4.46 3.82 17.67
CA GLU A 80 -5.74 4.17 17.08
C GLU A 80 -5.59 4.99 15.82
N VAL A 81 -4.63 5.93 15.84
CA VAL A 81 -4.38 6.75 14.66
C VAL A 81 -3.86 5.92 13.51
N MET A 82 -3.20 4.78 13.70
CA MET A 82 -2.77 3.92 12.58
C MET A 82 -3.90 3.32 11.74
N ARG A 83 -5.07 3.17 12.33
CA ARG A 83 -6.24 2.74 11.59
C ARG A 83 -6.49 3.57 10.35
N SER A 84 -6.26 4.88 10.39
CA SER A 84 -6.56 5.75 9.21
C SER A 84 -5.31 5.98 8.35
N LYS A 85 -4.17 5.67 8.89
CA LYS A 85 -2.99 5.93 8.05
C LYS A 85 -2.68 4.69 7.25
N MET A 86 -2.26 4.85 5.99
CA MET A 86 -2.04 3.72 5.10
C MET A 86 -0.60 3.72 4.56
N PRO A 87 -0.14 2.56 4.12
CA PRO A 87 1.15 2.50 3.46
C PRO A 87 1.18 3.39 2.25
N ASN A 88 2.37 3.94 1.99
CA ASN A 88 2.59 4.86 0.89
C ASN A 88 3.30 4.15 -0.24
N PRO A 89 3.48 4.87 -1.34
CA PRO A 89 4.10 4.24 -2.51
C PRO A 89 5.50 3.71 -2.26
N ALA A 90 6.26 4.32 -1.34
CA ALA A 90 7.55 3.78 -0.96
C ALA A 90 7.42 2.43 -0.27
N HIS A 91 6.52 2.32 0.70
CA HIS A 91 6.30 1.01 1.35
C HIS A 91 5.89 -0.04 0.32
N LEU A 92 5.00 0.37 -0.58
CA LEU A 92 4.50 -0.58 -1.57
C LEU A 92 5.58 -1.02 -2.53
N ALA A 93 6.38 -0.08 -3.01
CA ALA A 93 7.47 -0.41 -3.95
C ALA A 93 8.42 -1.40 -3.30
N ILE A 94 8.72 -1.18 -2.03
CA ILE A 94 9.61 -2.08 -1.29
C ILE A 94 9.03 -3.45 -1.14
N ALA A 95 7.75 -3.57 -0.83
CA ALA A 95 7.09 -4.87 -0.76
C ALA A 95 7.02 -5.58 -2.11
N GLU A 96 6.68 -4.86 -3.16
CA GLU A 96 6.54 -5.55 -4.44
C GLU A 96 7.90 -5.93 -5.01
N CYS A 97 8.90 -5.10 -4.73
CA CYS A 97 10.29 -5.42 -5.10
C CYS A 97 10.70 -6.72 -4.45
N GLU A 98 10.49 -6.85 -3.15
CA GLU A 98 10.85 -8.09 -2.43
C GLU A 98 10.15 -9.27 -3.08
N ALA A 99 8.85 -9.14 -3.39
CA ALA A 99 8.11 -10.28 -3.95
C ALA A 99 8.68 -10.67 -5.30
N ARG A 100 8.88 -9.67 -6.15
CA ARG A 100 9.36 -9.92 -7.51
C ARG A 100 10.76 -10.53 -7.50
N LEU A 101 11.66 -9.96 -6.72
CA LEU A 101 13.03 -10.46 -6.68
C LEU A 101 13.07 -11.82 -6.02
N GLY A 102 12.23 -12.07 -5.03
CA GLY A 102 12.21 -13.38 -4.36
C GLY A 102 11.93 -14.54 -5.29
N GLN A 103 11.03 -14.29 -6.24
CA GLN A 103 10.71 -15.25 -7.29
C GLN A 103 11.89 -15.58 -8.19
N GLN A 104 12.84 -14.64 -8.30
CA GLN A 104 14.06 -14.78 -9.08
C GLN A 104 15.22 -15.30 -8.24
N GLY A 105 14.96 -15.70 -7.00
CA GLY A 105 16.03 -16.14 -6.11
C GLY A 105 16.91 -15.03 -5.56
N ARG A 106 16.41 -13.79 -5.57
CA ARG A 106 17.18 -12.65 -5.09
C ARG A 106 16.55 -12.17 -3.80
N SER A 107 17.39 -11.80 -2.83
CA SER A 107 16.88 -11.52 -1.48
C SER A 107 16.75 -10.01 -1.26
N VAL A 108 15.65 -9.63 -0.64
CA VAL A 108 15.45 -8.26 -0.14
C VAL A 108 15.06 -8.33 1.33
N VAL A 109 15.78 -7.62 2.22
CA VAL A 109 15.43 -7.58 3.64
C VAL A 109 15.28 -6.14 4.07
N ILE A 110 14.29 -5.89 4.91
CA ILE A 110 14.03 -4.57 5.43
C ILE A 110 14.41 -4.49 6.90
N ILE A 111 15.22 -3.50 7.23
CA ILE A 111 15.62 -3.22 8.61
C ILE A 111 15.01 -1.88 8.94
N THR A 112 13.99 -1.89 9.78
CA THR A 112 13.27 -0.64 10.04
C THR A 112 13.42 -0.13 11.46
N GLN A 113 13.62 1.18 11.58
CA GLN A 113 13.52 1.84 12.88
C GLN A 113 12.02 1.98 13.36
N ASN A 114 11.09 1.85 12.41
CA ASN A 114 9.71 2.29 12.65
C ASN A 114 8.91 1.21 13.30
N ILE A 115 8.01 1.63 14.18
CA ILE A 115 7.19 0.70 14.97
C ILE A 115 5.74 0.65 14.48
N ASP A 116 5.48 1.27 13.33
CA ASP A 116 4.06 1.41 12.86
C ASP A 116 3.50 0.22 12.13
N GLU A 117 4.29 -0.82 11.87
CA GLU A 117 3.87 -2.01 11.12
C GLU A 117 3.46 -1.74 9.67
N LEU A 118 3.70 -0.53 9.16
CA LEU A 118 3.32 -0.20 7.78
C LEU A 118 4.01 -1.05 6.72
N HIS A 119 5.23 -1.48 7.00
CA HIS A 119 5.91 -2.37 6.03
C HIS A 119 5.15 -3.66 5.93
N HIS A 120 4.64 -4.16 7.06
N HIS A 120 4.66 -4.16 7.07
CA HIS A 120 3.87 -5.42 7.09
CA HIS A 120 3.91 -5.42 7.10
C HIS A 120 2.57 -5.23 6.33
C HIS A 120 2.57 -5.24 6.36
N ARG A 121 1.90 -4.13 6.58
CA ARG A 121 0.64 -3.83 5.90
C ARG A 121 0.83 -3.67 4.41
N ALA A 122 2.02 -3.22 4.01
CA ALA A 122 2.37 -3.09 2.58
C ALA A 122 2.58 -4.44 1.88
N GLY A 123 2.88 -5.48 2.66
CA GLY A 123 3.17 -6.83 2.11
C GLY A 123 4.59 -7.37 2.32
N SER A 124 5.46 -6.61 2.97
CA SER A 124 6.83 -7.04 3.15
C SER A 124 6.85 -8.18 4.16
N LYS A 125 7.61 -9.22 3.83
CA LYS A 125 7.75 -10.38 4.70
C LYS A 125 9.02 -10.37 5.54
N HIS A 126 10.16 -10.12 4.90
N HIS A 126 10.17 -10.14 4.89
CA HIS A 126 11.45 -10.25 5.58
CA HIS A 126 11.47 -10.27 5.59
C HIS A 126 11.79 -8.90 6.19
C HIS A 126 11.80 -8.90 6.20
N VAL A 127 11.22 -8.65 7.37
CA VAL A 127 11.29 -7.35 8.04
C VAL A 127 11.80 -7.51 9.47
N TYR A 128 12.83 -6.74 9.80
CA TYR A 128 13.41 -6.72 11.13
C TYR A 128 13.04 -5.39 11.79
N GLU A 129 12.20 -5.48 12.81
CA GLU A 129 11.71 -4.30 13.51
C GLU A 129 12.61 -4.06 14.70
N ILE A 130 13.64 -3.23 14.50
CA ILE A 130 14.70 -3.13 15.52
C ILE A 130 14.27 -2.37 16.77
N HIS A 131 13.17 -1.63 16.66
CA HIS A 131 12.64 -0.88 17.81
C HIS A 131 11.34 -1.47 18.36
N GLY A 132 10.96 -2.63 17.84
CA GLY A 132 9.68 -3.23 18.21
C GLY A 132 8.51 -2.77 17.38
N SER A 133 7.31 -2.88 17.95
CA SER A 133 6.09 -2.57 17.23
C SER A 133 5.02 -2.05 18.18
N LEU A 134 4.26 -1.06 17.69
CA LEU A 134 3.10 -0.51 18.41
C LEU A 134 2.04 -1.56 18.68
N PHE A 135 2.07 -2.62 17.87
CA PHE A 135 1.03 -3.64 17.87
C PHE A 135 1.55 -4.98 18.35
N LYS A 136 2.54 -4.90 19.23
CA LYS A 136 2.91 -6.00 20.06
C LYS A 136 2.98 -5.56 21.51
N THR A 137 2.69 -6.48 22.40
CA THR A 137 2.84 -6.25 23.81
C THR A 137 3.96 -7.17 24.36
N ARG A 138 4.53 -6.76 25.49
CA ARG A 138 5.38 -7.64 26.27
C ARG A 138 4.87 -7.63 27.71
N CYS A 139 4.76 -8.82 28.32
CA CYS A 139 4.33 -8.87 29.72
C CYS A 139 5.48 -8.53 30.65
N MET A 140 5.24 -7.57 31.53
CA MET A 140 6.22 -7.12 32.52
C MET A 140 6.57 -8.14 33.58
N SER A 141 5.69 -9.13 33.72
CA SER A 141 5.85 -10.26 34.66
C SER A 141 6.48 -11.53 34.05
N CYS A 142 5.87 -12.12 33.03
CA CYS A 142 6.32 -13.38 32.47
C CYS A 142 7.11 -13.21 31.18
N GLY A 143 7.16 -12.00 30.62
CA GLY A 143 7.98 -11.73 29.43
C GLY A 143 7.41 -12.09 28.07
N GLU A 144 6.20 -12.65 28.04
CA GLU A 144 5.63 -13.13 26.77
C GLU A 144 5.33 -11.99 25.83
N VAL A 145 5.66 -12.18 24.56
CA VAL A 145 5.44 -11.17 23.53
C VAL A 145 4.30 -11.65 22.65
N LYS A 146 3.32 -10.78 22.40
CA LYS A 146 2.14 -11.17 21.65
C LYS A 146 1.72 -10.04 20.73
N ALA A 147 1.30 -10.43 19.52
CA ALA A 147 0.74 -9.47 18.59
C ALA A 147 -0.61 -9.01 19.09
N ASN A 148 -0.90 -7.73 18.91
CA ASN A 148 -2.15 -7.19 19.43
C ASN A 148 -2.63 -5.98 18.65
N HIS A 149 -3.76 -6.18 17.97
CA HIS A 149 -4.32 -5.16 17.10
C HIS A 149 -5.69 -4.75 17.55
N LYS A 150 -6.06 -5.12 18.77
CA LYS A 150 -7.41 -4.82 19.25
C LYS A 150 -7.65 -3.32 19.36
N SER A 151 -8.83 -2.84 18.93
CA SER A 151 -9.25 -1.46 19.12
C SER A 151 -10.54 -1.45 19.95
N PRO A 152 -10.53 -0.99 21.21
CA PRO A 152 -9.37 -0.54 21.99
C PRO A 152 -8.66 -1.73 22.65
N ILE A 153 -7.37 -1.59 22.92
CA ILE A 153 -6.61 -2.69 23.49
C ILE A 153 -7.22 -3.27 24.80
N CYS A 154 -7.81 -2.42 25.64
CA CYS A 154 -8.60 -2.90 26.76
C CYS A 154 -9.75 -1.91 26.95
N PRO A 155 -10.85 -2.38 27.58
CA PRO A 155 -12.02 -1.54 27.72
C PRO A 155 -11.79 -0.22 28.43
N ALA A 156 -10.92 -0.19 29.43
CA ALA A 156 -10.67 1.03 30.19
C ALA A 156 -10.08 2.16 29.35
N LEU A 157 -9.39 1.77 28.28
CA LEU A 157 -8.77 2.73 27.37
C LEU A 157 -9.70 3.22 26.26
N ASP A 158 -10.90 2.67 26.20
CA ASP A 158 -11.79 2.99 25.10
C ASP A 158 -12.14 4.49 25.08
N GLY A 159 -11.87 5.14 23.96
CA GLY A 159 -12.15 6.59 23.88
C GLY A 159 -11.19 7.53 24.62
N LYS A 160 -10.11 6.96 25.13
CA LYS A 160 -9.05 7.74 25.80
C LYS A 160 -7.91 8.10 24.85
N GLY A 161 -6.91 8.81 25.37
CA GLY A 161 -5.74 9.23 24.61
C GLY A 161 -5.84 10.51 23.79
N ALA A 162 -6.86 11.32 24.02
CA ALA A 162 -6.99 12.55 23.28
C ALA A 162 -5.73 13.41 23.42
N PRO A 163 -5.28 14.02 22.31
CA PRO A 163 -4.01 14.70 22.25
C PRO A 163 -4.02 16.18 22.66
N ASP A 164 -5.19 16.76 22.90
CA ASP A 164 -5.22 18.14 23.35
C ASP A 164 -4.58 18.38 24.72
N PRO A 165 -3.77 19.43 24.81
CA PRO A 165 -3.14 19.78 26.05
C PRO A 165 -3.99 19.73 27.29
N ASN A 166 -5.23 20.27 27.30
CA ASN A 166 -6.07 20.29 28.48
C ASN A 166 -7.08 19.14 28.51
N THR A 167 -6.86 18.09 27.74
CA THR A 167 -7.56 16.85 27.94
C THR A 167 -7.22 16.29 29.31
N LYS A 168 -8.25 15.86 30.03
CA LYS A 168 -8.09 15.27 31.35
C LYS A 168 -7.49 13.88 31.33
N GLU A 169 -6.68 13.59 32.33
CA GLU A 169 -6.05 12.30 32.37
C GLU A 169 -7.06 11.22 32.74
N ALA A 170 -6.94 10.05 32.12
CA ALA A 170 -7.84 8.91 32.35
C ALA A 170 -7.62 8.36 33.76
N ARG A 171 -6.37 8.37 34.22
CA ARG A 171 -5.99 7.83 35.53
C ARG A 171 -6.58 6.46 35.84
N ILE A 172 -6.32 5.56 34.91
CA ILE A 172 -6.84 4.20 34.96
C ILE A 172 -6.07 3.38 35.98
N PRO A 173 -6.77 2.72 36.93
CA PRO A 173 -6.05 1.89 37.88
C PRO A 173 -5.25 0.83 37.15
N VAL A 174 -4.06 0.54 37.66
CA VAL A 174 -3.14 -0.30 36.92
C VAL A 174 -3.75 -1.70 36.60
N GLU A 175 -4.62 -2.18 37.48
CA GLU A 175 -5.21 -3.47 37.29
C GLU A 175 -6.11 -3.49 36.07
N LEU A 176 -6.55 -2.33 35.59
CA LEU A 176 -7.46 -2.22 34.46
C LEU A 176 -6.78 -1.82 33.15
N LEU A 177 -5.48 -1.59 33.19
CA LEU A 177 -4.71 -1.42 31.96
C LEU A 177 -4.52 -2.80 31.31
N PRO A 178 -3.91 -2.88 30.11
CA PRO A 178 -3.80 -4.17 29.45
C PRO A 178 -3.02 -5.14 30.30
N ARG A 179 -3.61 -6.32 30.48
CA ARG A 179 -3.05 -7.36 31.28
C ARG A 179 -2.76 -8.62 30.46
N CYS A 180 -1.80 -9.39 30.97
CA CYS A 180 -1.43 -10.67 30.39
C CYS A 180 -2.53 -11.72 30.54
N GLU A 181 -2.77 -12.46 29.46
CA GLU A 181 -3.97 -13.25 29.33
C GLU A 181 -3.80 -14.66 29.80
N ARG A 182 -2.62 -15.03 30.30
CA ARG A 182 -2.42 -16.36 30.92
C ARG A 182 -2.96 -16.28 32.39
N LYS A 183 -4.04 -17.02 32.75
CA LYS A 183 -4.93 -16.65 33.84
C LYS A 183 -4.20 -17.39 34.92
N SER A 184 -3.23 -16.72 35.42
CA SER A 184 -2.16 -17.36 36.30
C SER A 184 -1.00 -16.35 36.43
N CYS A 185 -0.65 -15.74 35.30
CA CYS A 185 0.27 -14.60 35.30
C CYS A 185 -0.58 -13.37 35.62
N ASN A 186 -1.38 -12.93 34.64
CA ASN A 186 -2.08 -11.62 34.69
C ASN A 186 -1.26 -10.33 34.83
N GLY A 187 0.01 -10.39 34.44
CA GLY A 187 0.94 -9.26 34.59
C GLY A 187 0.56 -8.05 33.79
N LEU A 188 1.05 -6.87 34.19
CA LEU A 188 0.85 -5.66 33.41
C LEU A 188 1.59 -5.73 32.08
N LEU A 189 0.89 -5.46 30.97
CA LEU A 189 1.56 -5.44 29.67
C LEU A 189 2.13 -4.09 29.40
N ARG A 190 3.22 -4.08 28.65
CA ARG A 190 3.76 -2.84 28.11
C ARG A 190 3.83 -2.95 26.60
N PRO A 191 3.87 -1.82 25.88
CA PRO A 191 4.17 -1.93 24.46
C PRO A 191 5.54 -2.55 24.23
N HIS A 192 5.65 -3.46 23.24
CA HIS A 192 6.89 -4.16 22.98
C HIS A 192 7.70 -3.32 22.02
N VAL A 193 8.21 -2.26 22.59
CA VAL A 193 8.92 -1.21 21.89
C VAL A 193 10.18 -0.91 22.67
N VAL A 194 11.25 -0.62 21.95
CA VAL A 194 12.49 -0.19 22.63
C VAL A 194 12.33 1.26 23.07
N TRP A 195 12.50 1.50 24.36
CA TRP A 195 12.41 2.84 24.90
C TRP A 195 13.78 3.51 25.06
N PHE A 196 13.74 4.84 25.21
CA PHE A 196 14.94 5.63 25.53
C PHE A 196 15.50 5.11 26.84
N GLY A 197 16.80 4.82 26.84
CA GLY A 197 17.44 4.12 27.93
C GLY A 197 17.45 2.60 27.88
N GLU A 198 16.93 1.99 26.84
CA GLU A 198 16.91 0.50 26.75
C GLU A 198 17.81 0.00 25.61
N THR A 199 18.27 -1.24 25.71
CA THR A 199 19.14 -1.80 24.70
C THR A 199 18.33 -2.44 23.59
N LEU A 200 18.83 -2.32 22.37
CA LEU A 200 18.30 -3.07 21.25
C LEU A 200 18.50 -4.57 21.49
N ASP A 201 17.66 -5.41 20.90
CA ASP A 201 17.69 -6.84 21.19
C ASP A 201 18.97 -7.42 20.58
N SER A 202 19.80 -8.12 21.36
CA SER A 202 21.00 -8.73 20.79
C SER A 202 20.81 -9.71 19.65
N ASP A 203 19.77 -10.54 19.75
CA ASP A 203 19.47 -11.57 18.75
C ASP A 203 19.09 -10.89 17.46
N ILE A 204 18.34 -9.78 17.58
CA ILE A 204 17.92 -9.09 16.36
C ILE A 204 19.15 -8.49 15.67
N LEU A 205 20.00 -7.86 16.47
CA LEU A 205 21.21 -7.28 15.93
C LEU A 205 22.13 -8.30 15.32
N THR A 206 22.22 -9.49 15.90
CA THR A 206 23.01 -10.54 15.25
C THR A 206 22.46 -10.92 13.87
N ALA A 207 21.12 -11.01 13.76
CA ALA A 207 20.51 -11.33 12.49
C ALA A 207 20.75 -10.22 11.46
N VAL A 208 20.59 -8.99 11.91
CA VAL A 208 20.85 -7.85 11.08
C VAL A 208 22.30 -7.89 10.62
N GLU A 209 23.25 -8.20 11.48
CA GLU A 209 24.67 -8.19 11.08
C GLU A 209 24.90 -9.21 9.96
N ARG A 210 24.31 -10.39 10.10
CA ARG A 210 24.38 -11.43 9.06
C ARG A 210 23.88 -10.92 7.70
N GLU A 211 22.70 -10.29 7.72
CA GLU A 211 22.12 -9.82 6.47
C GLU A 211 22.99 -8.71 5.88
N LEU A 212 23.45 -7.78 6.71
CA LEU A 212 24.25 -6.67 6.19
C LEU A 212 25.55 -7.17 5.63
N GLU A 213 26.12 -8.19 6.24
CA GLU A 213 27.40 -8.72 5.81
C GLU A 213 27.30 -9.46 4.48
N LYS A 214 26.13 -10.01 4.20
CA LYS A 214 25.90 -10.79 3.00
C LYS A 214 25.31 -9.96 1.80
N CYS A 215 24.72 -8.83 2.12
CA CYS A 215 24.17 -8.01 1.09
C CYS A 215 25.19 -7.41 0.11
N ASP A 216 24.78 -7.10 -1.11
CA ASP A 216 25.67 -6.50 -2.11
C ASP A 216 25.13 -5.17 -2.61
N LEU A 217 24.10 -4.66 -1.94
CA LEU A 217 23.57 -3.34 -2.26
C LEU A 217 22.71 -2.95 -1.07
N CYS A 218 22.79 -1.70 -0.65
CA CYS A 218 22.07 -1.28 0.53
C CYS A 218 21.39 0.07 0.25
N LEU A 219 20.12 0.20 0.63
CA LEU A 219 19.37 1.43 0.45
C LEU A 219 19.01 1.93 1.83
N VAL A 220 19.05 3.24 1.99
CA VAL A 220 18.76 3.87 3.26
C VAL A 220 17.66 4.89 2.98
N VAL A 221 16.48 4.60 3.52
CA VAL A 221 15.25 5.30 3.10
C VAL A 221 14.57 6.05 4.22
N GLY A 222 14.32 7.34 4.04
CA GLY A 222 13.65 8.14 5.12
C GLY A 222 14.48 8.18 6.42
N THR A 223 15.78 8.20 6.27
CA THR A 223 16.70 8.63 7.29
C THR A 223 18.06 8.75 6.58
N SER A 224 19.12 8.98 7.35
CA SER A 224 20.46 9.20 6.79
C SER A 224 21.49 8.15 7.18
N SER A 225 22.36 7.80 6.24
CA SER A 225 23.47 6.84 6.52
C SER A 225 24.33 7.30 7.66
N ILE A 226 24.45 8.61 7.84
CA ILE A 226 25.38 9.25 8.78
C ILE A 226 24.79 9.38 10.20
N VAL A 227 23.46 9.32 10.30
CA VAL A 227 22.76 9.42 11.55
C VAL A 227 22.50 7.97 11.95
N TYR A 228 22.00 7.79 13.16
CA TYR A 228 21.61 6.49 13.72
C TYR A 228 20.18 6.11 13.38
N PRO A 229 19.84 4.83 13.24
CA PRO A 229 20.73 3.69 13.45
C PRO A 229 21.58 3.33 12.24
N ALA A 230 21.35 4.01 11.11
CA ALA A 230 22.12 3.62 9.91
C ALA A 230 23.66 3.66 10.16
N ALA A 231 24.10 4.62 10.97
CA ALA A 231 25.51 4.81 11.28
C ALA A 231 26.13 3.58 11.89
N MET A 232 25.33 2.66 12.45
CA MET A 232 25.87 1.39 13.03
C MET A 232 26.32 0.36 12.02
N PHE A 233 25.61 0.41 10.92
CA PHE A 233 25.62 -0.69 10.02
C PHE A 233 25.97 -0.33 8.63
N ALA A 234 25.58 0.87 8.16
CA ALA A 234 25.92 1.25 6.80
C ALA A 234 27.43 1.35 6.62
N PRO A 235 28.18 1.90 7.61
CA PRO A 235 29.65 1.85 7.51
C PRO A 235 30.23 0.46 7.27
N GLN A 236 29.67 -0.54 7.94
CA GLN A 236 30.12 -1.91 7.82
C GLN A 236 29.95 -2.35 6.32
N VAL A 237 28.79 -2.01 5.75
CA VAL A 237 28.57 -2.41 4.35
C VAL A 237 29.45 -1.62 3.40
N ALA A 238 29.58 -0.31 3.61
CA ALA A 238 30.40 0.55 2.77
C ALA A 238 31.84 0.08 2.77
N SER A 239 32.35 -0.37 3.92
CA SER A 239 33.74 -0.79 4.01
C SER A 239 34.01 -2.15 3.30
N ARG A 240 32.95 -2.87 2.92
CA ARG A 240 33.08 -4.06 2.04
C ARG A 240 33.12 -3.64 0.56
N GLY A 241 32.97 -2.35 0.33
CA GLY A 241 32.91 -1.75 -1.01
C GLY A 241 31.54 -1.78 -1.65
N VAL A 242 30.50 -1.90 -0.84
CA VAL A 242 29.15 -2.14 -1.36
C VAL A 242 28.43 -0.81 -1.58
N PRO A 243 27.75 -0.67 -2.73
CA PRO A 243 27.11 0.61 -2.94
C PRO A 243 25.97 0.87 -1.99
N VAL A 244 25.87 2.11 -1.55
CA VAL A 244 24.80 2.58 -0.65
C VAL A 244 24.04 3.73 -1.31
N ALA A 245 22.73 3.65 -1.28
CA ALA A 245 21.87 4.65 -1.93
C ALA A 245 20.92 5.22 -0.92
N GLU A 246 20.99 6.53 -0.71
CA GLU A 246 20.10 7.21 0.23
C GLU A 246 18.90 7.77 -0.50
N PHE A 247 17.71 7.54 0.03
CA PHE A 247 16.49 8.23 -0.44
C PHE A 247 15.94 9.00 0.72
N ASN A 248 16.09 10.32 0.70
CA ASN A 248 15.58 11.12 1.81
C ASN A 248 15.42 12.54 1.34
N MET A 249 14.68 13.27 2.14
CA MET A 249 14.39 14.65 1.81
C MET A 249 15.57 15.52 2.18
N GLU A 250 16.60 14.98 2.86
CA GLU A 250 17.71 15.84 3.38
C GLU A 250 18.57 16.30 2.23
N CYS A 251 19.04 17.55 2.28
CA CYS A 251 20.03 17.98 1.33
C CYS A 251 21.42 17.46 1.69
N THR A 252 22.29 17.41 0.69
CA THR A 252 23.76 17.39 0.92
C THR A 252 24.34 18.63 0.21
N PRO A 253 25.55 19.10 0.61
CA PRO A 253 26.11 20.32 -0.02
C PRO A 253 26.35 20.22 -1.52
N ALA A 254 27.01 21.20 -2.14
CA ALA A 254 27.11 21.25 -3.62
C ALA A 254 28.36 20.48 -4.12
N THR A 255 29.39 20.47 -3.28
CA THR A 255 30.59 19.69 -3.60
C THR A 255 30.51 18.21 -3.17
N GLN A 256 29.35 17.56 -3.22
CA GLN A 256 29.30 16.13 -3.50
C GLN A 256 29.33 15.92 -5.00
N LYS A 259 28.98 6.56 -3.64
CA LYS A 259 27.62 6.19 -3.24
C LYS A 259 26.60 7.26 -3.76
N TYR A 260 25.31 7.10 -3.45
CA TYR A 260 24.25 7.76 -4.24
C TYR A 260 23.21 8.39 -3.33
N HIS A 261 22.60 9.46 -3.81
CA HIS A 261 21.64 10.23 -3.04
C HIS A 261 20.56 10.71 -3.95
N PHE A 262 19.33 10.34 -3.63
CA PHE A 262 18.14 10.80 -4.34
C PHE A 262 17.31 11.63 -3.41
N GLU A 263 17.38 12.95 -3.62
CA GLU A 263 16.73 13.92 -2.73
C GLU A 263 15.24 14.03 -3.06
N GLY A 264 14.40 13.86 -2.05
CA GLY A 264 12.98 14.12 -2.18
C GLY A 264 12.15 13.12 -1.41
N PRO A 265 10.83 13.23 -1.55
CA PRO A 265 9.96 12.27 -0.85
C PRO A 265 10.15 10.89 -1.44
N CYS A 266 10.36 9.90 -0.59
CA CYS A 266 10.67 8.55 -1.07
C CYS A 266 9.52 7.89 -1.83
N GLY A 267 8.30 8.35 -1.57
CA GLY A 267 7.14 7.84 -2.32
C GLY A 267 7.15 8.32 -3.77
N SER A 268 7.94 9.35 -4.07
CA SER A 268 8.18 9.74 -5.47
C SER A 268 9.40 9.06 -6.05
N THR A 269 10.50 9.03 -5.30
CA THR A 269 11.77 8.59 -5.86
C THR A 269 11.84 7.01 -6.01
N LEU A 270 11.30 6.38 -4.98
CA LEU A 270 11.62 4.98 -4.83
C LEU A 270 10.87 4.09 -5.83
N PRO A 271 9.58 4.36 -6.12
CA PRO A 271 8.94 3.45 -7.07
C PRO A 271 9.65 3.52 -8.43
N PRO A 272 10.12 4.74 -8.82
CA PRO A 272 10.88 4.82 -10.10
C PRO A 272 12.19 4.09 -10.00
N ALA A 273 12.94 4.27 -8.91
CA ALA A 273 14.21 3.58 -8.73
C ALA A 273 14.12 2.03 -8.75
N LEU A 274 13.07 1.50 -8.13
CA LEU A 274 12.91 0.08 -7.92
C LEU A 274 12.08 -0.66 -8.98
N GLU A 275 11.60 0.06 -10.00
CA GLU A 275 10.83 -0.53 -11.12
C GLU A 275 11.32 -1.89 -11.50
N ASP B 12 -22.46 14.23 6.87
CA ASP B 12 -22.11 13.91 8.29
C ASP B 12 -21.43 12.54 8.42
N LEU B 13 -20.15 12.62 8.71
CA LEU B 13 -19.30 11.41 8.83
C LEU B 13 -19.81 10.48 9.93
N THR B 14 -20.24 11.07 11.04
CA THR B 14 -20.74 10.26 12.16
C THR B 14 -22.01 9.50 11.76
N ALA B 15 -22.91 10.13 11.00
CA ALA B 15 -24.12 9.43 10.58
C ALA B 15 -23.75 8.32 9.59
N PHE B 16 -22.78 8.58 8.71
CA PHE B 16 -22.34 7.52 7.80
C PHE B 16 -21.77 6.35 8.62
N ARG B 17 -20.94 6.67 9.60
CA ARG B 17 -20.32 5.60 10.37
C ARG B 17 -21.31 4.79 11.19
N GLU B 18 -22.42 5.39 11.58
CA GLU B 18 -23.53 4.60 12.19
C GLU B 18 -24.05 3.53 11.24
N HIS B 19 -24.21 3.86 9.97
CA HIS B 19 -24.57 2.82 8.98
C HIS B 19 -23.47 1.83 8.78
N PHE B 20 -22.25 2.33 8.67
CA PHE B 20 -21.11 1.44 8.51
C PHE B 20 -20.99 0.36 9.62
N ALA B 21 -21.21 0.78 10.86
CA ALA B 21 -21.10 -0.14 12.02
C ALA B 21 -22.05 -1.33 11.91
N LYS B 22 -23.20 -1.13 11.25
CA LYS B 22 -24.31 -2.09 11.21
C LYS B 22 -24.31 -2.92 9.93
N ALA B 23 -23.63 -2.41 8.91
CA ALA B 23 -23.71 -3.04 7.59
C ALA B 23 -23.08 -4.43 7.59
N LYS B 24 -23.81 -5.44 7.11
CA LYS B 24 -23.30 -6.81 6.95
C LYS B 24 -22.76 -7.11 5.56
N HIS B 25 -23.07 -6.27 4.57
CA HIS B 25 -22.72 -6.55 3.20
CA HIS B 25 -22.70 -6.55 3.18
C HIS B 25 -22.55 -5.23 2.44
N ILE B 26 -21.31 -4.82 2.21
CA ILE B 26 -20.99 -3.52 1.61
C ILE B 26 -20.56 -3.75 0.21
N ALA B 27 -21.12 -2.99 -0.71
CA ALA B 27 -20.70 -3.00 -2.10
C ALA B 27 -19.97 -1.71 -2.35
N ILE B 28 -18.73 -1.81 -2.85
CA ILE B 28 -17.96 -0.62 -3.15
C ILE B 28 -17.72 -0.59 -4.65
N ILE B 29 -18.25 0.44 -5.31
CA ILE B 29 -18.10 0.63 -6.76
C ILE B 29 -17.00 1.66 -6.95
N THR B 30 -16.02 1.35 -7.79
CA THR B 30 -14.88 2.29 -7.99
C THR B 30 -14.70 2.63 -9.46
N GLY B 31 -14.48 3.94 -9.71
CA GLY B 31 -14.29 4.46 -11.03
C GLY B 31 -12.90 5.04 -11.19
N ALA B 32 -12.74 5.79 -12.28
CA ALA B 32 -11.41 6.15 -12.69
C ALA B 32 -10.72 7.08 -11.71
N GLY B 33 -11.46 7.79 -10.86
CA GLY B 33 -10.78 8.62 -9.88
C GLY B 33 -9.85 7.90 -8.93
N VAL B 34 -10.15 6.64 -8.66
CA VAL B 34 -9.30 5.91 -7.73
C VAL B 34 -7.98 5.50 -8.38
N SER B 35 -7.97 5.49 -9.71
CA SER B 35 -6.76 5.07 -10.47
C SER B 35 -5.99 6.29 -10.93
N ALA B 36 -6.71 7.40 -11.13
CA ALA B 36 -6.00 8.64 -11.47
C ALA B 36 -5.06 9.06 -10.33
N GLU B 37 -5.50 8.83 -9.09
CA GLU B 37 -4.72 9.18 -7.91
C GLU B 37 -3.51 8.25 -7.66
N SER B 38 -3.41 7.18 -8.43
CA SER B 38 -2.21 6.35 -8.36
C SER B 38 -1.24 6.76 -9.47
N GLY B 39 -1.55 7.82 -10.21
CA GLY B 39 -0.65 8.27 -11.29
C GLY B 39 -0.88 7.59 -12.62
N VAL B 40 -2.08 7.06 -12.84
CA VAL B 40 -2.34 6.04 -13.89
C VAL B 40 -3.06 6.69 -15.04
N PRO B 41 -2.38 6.82 -16.18
CA PRO B 41 -3.01 7.61 -17.25
C PRO B 41 -4.27 6.98 -17.78
N THR B 42 -5.24 7.81 -18.13
CA THR B 42 -6.50 7.28 -18.53
C THR B 42 -6.40 7.36 -20.02
N PHE B 43 -5.90 8.46 -20.56
CA PHE B 43 -5.92 8.66 -22.01
C PHE B 43 -7.17 9.39 -22.57
N ARG B 44 -8.18 9.56 -21.75
CA ARG B 44 -9.41 10.10 -22.25
C ARG B 44 -9.32 11.60 -22.37
N GLY B 45 -8.61 12.26 -21.44
CA GLY B 45 -8.62 13.73 -21.40
C GLY B 45 -7.75 14.53 -22.38
N PRO B 46 -7.65 15.85 -22.21
CA PRO B 46 -6.78 16.66 -23.09
C PRO B 46 -5.31 16.19 -23.10
N GLY B 47 -4.85 15.71 -21.95
CA GLY B 47 -3.46 15.22 -21.82
C GLY B 47 -3.26 13.84 -22.43
N GLY B 48 -4.32 13.18 -22.84
CA GLY B 48 -4.38 11.72 -22.81
C GLY B 48 -4.15 11.27 -24.22
N PHE B 49 -3.00 11.73 -24.72
CA PHE B 49 -2.47 11.22 -25.99
C PHE B 49 -1.38 10.19 -25.79
N TRP B 50 -1.41 9.18 -26.66
CA TRP B 50 -0.34 8.19 -26.76
C TRP B 50 0.05 8.20 -28.22
N ARG B 51 1.29 8.59 -28.55
CA ARG B 51 1.61 8.89 -29.93
C ARG B 51 0.53 9.84 -30.46
N LYS B 52 0.00 9.64 -31.65
CA LYS B 52 -0.96 10.60 -32.16
C LYS B 52 -2.39 10.39 -31.65
N TRP B 53 -2.63 9.27 -30.96
CA TRP B 53 -3.99 8.77 -30.68
C TRP B 53 -4.42 9.01 -29.26
N GLN B 54 -5.74 8.98 -29.08
CA GLN B 54 -6.39 9.07 -27.79
C GLN B 54 -6.94 7.65 -27.53
N ALA B 55 -7.31 7.33 -26.29
CA ALA B 55 -7.80 5.97 -25.98
C ALA B 55 -8.92 5.52 -26.88
N GLN B 56 -9.85 6.44 -27.11
CA GLN B 56 -11.03 6.20 -27.90
C GLN B 56 -10.74 5.65 -29.30
N ASP B 57 -9.61 6.01 -29.88
CA ASP B 57 -9.29 5.55 -31.23
C ASP B 57 -8.80 4.10 -31.22
N LEU B 58 -8.29 3.67 -30.08
CA LEU B 58 -7.53 2.43 -30.07
C LEU B 58 -8.26 1.30 -29.39
N ALA B 59 -9.07 1.62 -28.41
CA ALA B 59 -9.73 0.57 -27.60
C ALA B 59 -11.04 0.16 -28.24
N THR B 60 -10.92 -0.40 -29.44
CA THR B 60 -12.05 -0.82 -30.24
C THR B 60 -11.66 -2.01 -31.10
N PRO B 61 -12.65 -2.87 -31.39
CA PRO B 61 -12.34 -4.06 -32.18
C PRO B 61 -11.91 -3.74 -33.64
N GLU B 62 -12.34 -2.58 -34.15
CA GLU B 62 -11.98 -2.14 -35.50
C GLU B 62 -10.48 -1.77 -35.55
N ALA B 63 -9.99 -1.11 -34.50
CA ALA B 63 -8.56 -0.80 -34.46
C ALA B 63 -7.77 -2.14 -34.39
N PHE B 64 -8.22 -3.05 -33.54
CA PHE B 64 -7.50 -4.31 -33.40
C PHE B 64 -7.52 -5.16 -34.66
N SER B 65 -8.63 -5.13 -35.38
CA SER B 65 -8.75 -5.92 -36.60
C SER B 65 -7.80 -5.38 -37.65
N ARG B 66 -7.67 -4.05 -37.72
CA ARG B 66 -6.95 -3.42 -38.84
C ARG B 66 -5.50 -3.07 -38.53
N ASP B 67 -5.16 -3.05 -37.25
CA ASP B 67 -3.77 -2.81 -36.88
C ASP B 67 -3.50 -3.41 -35.51
N PRO B 68 -3.49 -4.73 -35.44
CA PRO B 68 -3.29 -5.38 -34.16
C PRO B 68 -1.94 -5.04 -33.51
N SER B 69 -0.90 -4.85 -34.32
CA SER B 69 0.40 -4.52 -33.72
C SER B 69 0.34 -3.18 -33.00
N LEU B 70 -0.34 -2.19 -33.61
CA LEU B 70 -0.44 -0.87 -32.98
C LEU B 70 -1.21 -0.95 -31.65
N VAL B 71 -2.30 -1.71 -31.64
CA VAL B 71 -3.15 -1.81 -30.44
C VAL B 71 -2.37 -2.58 -29.37
N TRP B 72 -1.62 -3.61 -29.76
CA TRP B 72 -0.81 -4.32 -28.76
C TRP B 72 0.33 -3.45 -28.22
N GLU B 73 0.93 -2.59 -29.06
CA GLU B 73 1.96 -1.66 -28.55
C GLU B 73 1.40 -0.76 -27.46
N PHE B 74 0.18 -0.27 -27.68
CA PHE B 74 -0.53 0.59 -26.73
C PHE B 74 -0.82 -0.16 -25.42
N TYR B 75 -1.36 -1.37 -25.52
CA TYR B 75 -1.63 -2.16 -24.30
C TYR B 75 -0.33 -2.58 -23.59
N HIS B 76 0.71 -2.85 -24.38
CA HIS B 76 1.99 -3.22 -23.75
C HIS B 76 2.53 -2.04 -22.96
N TYR B 77 2.51 -0.86 -23.56
CA TYR B 77 2.88 0.37 -22.86
C TYR B 77 2.12 0.46 -21.54
N ARG B 78 0.81 0.32 -21.58
CA ARG B 78 0.00 0.41 -20.36
C ARG B 78 0.36 -0.63 -19.30
N ARG B 79 0.51 -1.89 -19.73
CA ARG B 79 0.98 -2.92 -18.82
C ARG B 79 2.30 -2.52 -18.14
N GLU B 80 3.24 -2.05 -18.96
CA GLU B 80 4.58 -1.74 -18.48
C GLU B 80 4.59 -0.58 -17.51
N VAL B 81 3.78 0.43 -17.79
CA VAL B 81 3.69 1.59 -16.90
C VAL B 81 3.11 1.22 -15.57
N MET B 82 2.30 0.17 -15.42
CA MET B 82 1.80 -0.26 -14.11
C MET B 82 2.88 -0.73 -13.12
N ARG B 83 4.00 -1.19 -13.65
CA ARG B 83 5.14 -1.54 -12.80
C ARG B 83 5.54 -0.39 -11.89
N SER B 84 5.43 0.87 -12.29
CA SER B 84 5.87 2.01 -11.40
C SER B 84 4.70 2.62 -10.62
N LYS B 85 3.51 2.31 -11.06
CA LYS B 85 2.39 2.94 -10.30
C LYS B 85 1.96 2.03 -9.17
N MET B 86 1.60 2.58 -8.00
CA MET B 86 1.29 1.79 -6.82
C MET B 86 -0.11 2.09 -6.29
N PRO B 87 -0.70 1.12 -5.57
CA PRO B 87 -1.98 1.37 -4.91
C PRO B 87 -1.86 2.56 -3.96
N ASN B 88 -2.98 3.27 -3.82
CA ASN B 88 -3.04 4.43 -2.97
C ASN B 88 -3.79 4.11 -1.69
N PRO B 89 -3.84 5.10 -0.79
CA PRO B 89 -4.48 4.85 0.50
C PRO B 89 -5.94 4.45 0.40
N ALA B 90 -6.66 4.88 -0.64
CA ALA B 90 -8.01 4.43 -0.85
C ALA B 90 -8.07 2.93 -1.19
N HIS B 91 -7.22 2.48 -2.11
CA HIS B 91 -7.17 1.05 -2.41
C HIS B 91 -6.83 0.26 -1.14
N LEU B 92 -5.86 0.77 -0.38
CA LEU B 92 -5.45 0.03 0.81
C LEU B 92 -6.54 -0.05 1.87
N ALA B 93 -7.22 1.08 2.10
CA ALA B 93 -8.32 1.09 3.09
C ALA B 93 -9.37 0.08 2.72
N ILE B 94 -9.68 0.03 1.43
CA ILE B 94 -10.70 -0.92 0.92
C ILE B 94 -10.28 -2.36 1.13
N ALA B 95 -9.03 -2.70 0.87
CA ALA B 95 -8.52 -4.02 1.13
C ALA B 95 -8.49 -4.39 2.60
N GLU B 96 -8.03 -3.46 3.44
CA GLU B 96 -7.93 -3.81 4.87
C GLU B 96 -9.33 -3.91 5.50
N CYS B 97 -10.23 -3.06 5.02
CA CYS B 97 -11.65 -3.13 5.45
C CYS B 97 -12.22 -4.51 5.14
N GLU B 98 -12.05 -4.96 3.90
CA GLU B 98 -12.56 -6.30 3.51
C GLU B 98 -11.97 -7.35 4.43
N ALA B 99 -10.66 -7.30 4.69
CA ALA B 99 -10.03 -8.34 5.53
C ALA B 99 -10.62 -8.32 6.94
N ARG B 100 -10.69 -7.13 7.52
CA ARG B 100 -11.16 -6.97 8.89
C ARG B 100 -12.62 -7.42 9.03
N LEU B 101 -13.47 -6.96 8.12
CA LEU B 101 -14.89 -7.31 8.20
C LEU B 101 -15.09 -8.79 7.91
N GLY B 102 -14.29 -9.37 7.02
CA GLY B 102 -14.40 -10.81 6.71
C GLY B 102 -14.22 -11.72 7.92
N GLN B 103 -13.30 -11.33 8.78
CA GLN B 103 -13.07 -12.01 10.04
C GLN B 103 -14.28 -11.98 10.98
N GLN B 104 -15.11 -10.95 10.83
CA GLN B 104 -16.34 -10.78 11.60
C GLN B 104 -17.56 -11.36 10.89
N GLY B 105 -17.34 -12.07 9.79
CA GLY B 105 -18.46 -12.62 9.02
C GLY B 105 -19.22 -11.58 8.18
N ARG B 106 -18.61 -10.44 7.90
CA ARG B 106 -19.26 -9.37 7.16
C ARG B 106 -18.62 -9.26 5.80
N SER B 107 -19.43 -8.99 4.78
CA SER B 107 -18.97 -9.06 3.41
C SER B 107 -18.66 -7.66 2.89
N VAL B 108 -17.56 -7.57 2.17
CA VAL B 108 -17.24 -6.40 1.34
C VAL B 108 -16.93 -6.89 -0.06
N VAL B 109 -17.59 -6.35 -1.11
CA VAL B 109 -17.27 -6.68 -2.48
C VAL B 109 -16.98 -5.40 -3.24
N ILE B 110 -15.98 -5.49 -4.11
CA ILE B 110 -15.61 -4.36 -4.95
C ILE B 110 -16.03 -4.60 -6.38
N ILE B 111 -16.74 -3.62 -6.96
CA ILE B 111 -17.17 -3.64 -8.36
C ILE B 111 -16.42 -2.50 -9.00
N THR B 112 -15.42 -2.84 -9.80
CA THR B 112 -14.56 -1.79 -10.34
C THR B 112 -14.69 -1.62 -11.86
N GLN B 113 -14.73 -0.35 -12.29
CA GLN B 113 -14.59 -0.02 -13.71
C GLN B 113 -13.12 -0.20 -14.20
N ASN B 114 -12.18 -0.23 -13.28
CA ASN B 114 -10.75 -0.06 -13.62
C ASN B 114 -10.12 -1.36 -13.99
N ILE B 115 -9.23 -1.29 -14.95
CA ILE B 115 -8.57 -2.49 -15.50
C ILE B 115 -7.11 -2.64 -15.03
N ASP B 116 -6.71 -1.78 -14.07
CA ASP B 116 -5.29 -1.73 -13.66
C ASP B 116 -4.86 -2.76 -12.64
N GLU B 117 -5.78 -3.57 -12.12
CA GLU B 117 -5.49 -4.59 -11.09
C GLU B 117 -4.96 -4.01 -9.75
N LEU B 118 -5.04 -2.69 -9.58
CA LEU B 118 -4.56 -2.06 -8.34
C LEU B 118 -5.31 -2.53 -7.08
N HIS B 119 -6.58 -2.86 -7.25
CA HIS B 119 -7.33 -3.39 -6.08
C HIS B 119 -6.70 -4.73 -5.67
N HIS B 120 -6.30 -5.55 -6.65
CA HIS B 120 -5.66 -6.84 -6.35
C HIS B 120 -4.32 -6.62 -5.66
N ARG B 121 -3.53 -5.69 -6.17
CA ARG B 121 -2.23 -5.38 -5.60
C ARG B 121 -2.37 -4.85 -4.18
N ALA B 122 -3.48 -4.18 -3.91
CA ALA B 122 -3.77 -3.66 -2.56
C ALA B 122 -4.11 -4.75 -1.53
N GLY B 123 -4.54 -5.92 -2.01
CA GLY B 123 -4.97 -7.04 -1.15
C GLY B 123 -6.44 -7.45 -1.22
N SER B 124 -7.24 -6.80 -2.06
CA SER B 124 -8.64 -7.10 -2.12
C SER B 124 -8.80 -8.46 -2.81
N LYS B 125 -9.69 -9.27 -2.26
CA LYS B 125 -10.01 -10.58 -2.84
C LYS B 125 -11.30 -10.57 -3.65
N HIS B 126 -12.35 -10.01 -3.06
CA HIS B 126 -13.68 -10.14 -3.69
C HIS B 126 -13.87 -8.98 -4.62
N VAL B 127 -13.34 -9.10 -5.84
CA VAL B 127 -13.29 -8.01 -6.79
C VAL B 127 -13.89 -8.45 -8.12
N TYR B 128 -14.82 -7.65 -8.64
CA TYR B 128 -15.44 -7.87 -9.94
C TYR B 128 -14.93 -6.80 -10.87
N GLU B 129 -14.17 -7.23 -11.85
CA GLU B 129 -13.60 -6.34 -12.85
C GLU B 129 -14.54 -6.29 -14.04
N ILE B 130 -15.45 -5.32 -14.03
CA ILE B 130 -16.54 -5.32 -15.05
C ILE B 130 -16.03 -4.93 -16.43
N HIS B 131 -14.84 -4.35 -16.51
CA HIS B 131 -14.25 -3.95 -17.78
C HIS B 131 -13.07 -4.83 -18.18
N GLY B 132 -12.84 -5.89 -17.42
CA GLY B 132 -11.70 -6.74 -17.64
C GLY B 132 -10.44 -6.31 -16.94
N SER B 133 -9.30 -6.75 -17.48
CA SER B 133 -8.04 -6.42 -16.88
C SER B 133 -6.94 -6.31 -17.91
N LEU B 134 -6.02 -5.37 -17.67
CA LEU B 134 -4.82 -5.22 -18.50
C LEU B 134 -3.94 -6.46 -18.49
N PHE B 135 -4.12 -7.25 -17.44
CA PHE B 135 -3.25 -8.40 -17.17
C PHE B 135 -3.98 -9.74 -17.32
N LYS B 136 -4.96 -9.72 -18.22
CA LYS B 136 -5.54 -10.94 -18.75
C LYS B 136 -5.58 -10.88 -20.27
N THR B 137 -5.50 -12.05 -20.89
CA THR B 137 -5.68 -12.17 -22.34
C THR B 137 -6.93 -12.99 -22.63
N ARG B 138 -7.47 -12.83 -23.83
CA ARG B 138 -8.48 -13.74 -24.34
C ARG B 138 -8.05 -14.20 -25.74
N CYS B 139 -8.17 -15.50 -26.02
CA CYS B 139 -7.84 -15.99 -27.35
C CYS B 139 -8.95 -15.72 -28.33
N MET B 140 -8.59 -15.07 -29.44
CA MET B 140 -9.55 -14.71 -30.49
C MET B 140 -10.10 -15.90 -31.27
N SER B 141 -9.39 -17.03 -31.16
CA SER B 141 -9.80 -18.31 -31.79
C SER B 141 -10.57 -19.26 -30.86
N CYS B 142 -9.99 -19.68 -29.71
CA CYS B 142 -10.63 -20.67 -28.85
C CYS B 142 -11.31 -20.05 -27.64
N GLY B 143 -11.13 -18.75 -27.42
CA GLY B 143 -11.87 -18.04 -26.35
C GLY B 143 -11.32 -18.15 -24.94
N GLU B 144 -10.21 -18.84 -24.76
CA GLU B 144 -9.68 -19.06 -23.42
C GLU B 144 -9.16 -17.76 -22.80
N VAL B 145 -9.47 -17.55 -21.53
CA VAL B 145 -9.03 -16.36 -20.81
C VAL B 145 -7.93 -16.78 -19.85
N LYS B 146 -6.82 -16.05 -19.82
CA LYS B 146 -5.70 -16.41 -18.97
C LYS B 146 -5.08 -15.18 -18.36
N ALA B 147 -4.69 -15.28 -17.10
CA ALA B 147 -3.93 -14.23 -16.44
C ALA B 147 -2.56 -14.12 -17.05
N ASN B 148 -2.05 -12.91 -17.21
CA ASN B 148 -0.74 -12.73 -17.80
C ASN B 148 -0.06 -11.43 -17.36
N HIS B 149 1.04 -11.60 -16.62
CA HIS B 149 1.78 -10.48 -16.03
C HIS B 149 3.16 -10.41 -16.55
N LYS B 150 3.45 -11.14 -17.63
CA LYS B 150 4.82 -11.18 -18.15
C LYS B 150 5.26 -9.80 -18.65
N SER B 151 6.50 -9.39 -18.35
CA SER B 151 7.10 -8.17 -18.89
C SER B 151 8.35 -8.56 -19.68
N PRO B 152 8.37 -8.47 -21.03
CA PRO B 152 7.28 -8.10 -21.90
C PRO B 152 6.41 -9.32 -22.23
N ILE B 153 5.14 -9.07 -22.56
CA ILE B 153 4.22 -10.19 -22.81
C ILE B 153 4.70 -11.21 -23.88
N CYS B 154 5.37 -10.72 -24.92
CA CYS B 154 6.04 -11.60 -25.85
C CYS B 154 7.32 -10.90 -26.30
N PRO B 155 8.30 -11.69 -26.77
CA PRO B 155 9.58 -11.11 -27.12
C PRO B 155 9.52 -10.01 -28.16
N ALA B 156 8.65 -10.12 -29.15
CA ALA B 156 8.56 -9.13 -30.20
C ALA B 156 8.17 -7.73 -29.70
N LEU B 157 7.48 -7.70 -28.57
CA LEU B 157 7.05 -6.44 -27.97
C LEU B 157 8.07 -5.84 -27.01
N ASP B 158 9.18 -6.52 -26.80
CA ASP B 158 10.16 -6.07 -25.82
C ASP B 158 10.72 -4.70 -26.17
N GLY B 159 10.59 -3.74 -25.26
CA GLY B 159 11.09 -2.39 -25.55
C GLY B 159 10.25 -1.53 -26.48
N LYS B 160 9.08 -2.05 -26.87
CA LYS B 160 8.15 -1.33 -27.77
C LYS B 160 7.06 -0.59 -26.96
N GLY B 161 6.20 0.12 -27.68
CA GLY B 161 5.15 0.93 -27.08
C GLY B 161 5.50 2.34 -26.63
N ALA B 162 6.64 2.87 -27.04
CA ALA B 162 7.02 4.22 -26.65
C ALA B 162 5.93 5.21 -27.06
N PRO B 163 5.62 6.18 -26.18
CA PRO B 163 4.48 7.06 -26.35
C PRO B 163 4.74 8.34 -27.14
N ASP B 164 5.98 8.62 -27.51
CA ASP B 164 6.27 9.80 -28.31
C ASP B 164 5.64 9.79 -29.71
N PRO B 165 5.05 10.91 -30.09
CA PRO B 165 4.47 11.02 -31.41
C PRO B 165 5.25 10.49 -32.58
N ASN B 166 6.56 10.77 -32.70
CA ASN B 166 7.36 10.30 -33.81
C ASN B 166 8.16 9.03 -33.49
N THR B 167 7.76 8.29 -32.47
CA THR B 167 8.21 6.92 -32.31
C THR B 167 7.72 6.08 -33.48
N LYS B 168 8.64 5.30 -34.04
CA LYS B 168 8.33 4.46 -35.19
C LYS B 168 7.50 3.23 -34.83
N GLU B 169 6.60 2.85 -35.72
CA GLU B 169 5.73 1.73 -35.45
C GLU B 169 6.52 0.43 -35.50
N ALA B 170 6.23 -0.50 -34.57
CA ALA B 170 6.95 -1.78 -34.47
C ALA B 170 6.61 -2.66 -35.68
N ARG B 171 5.36 -2.57 -36.14
CA ARG B 171 4.85 -3.38 -37.26
C ARG B 171 5.21 -4.85 -37.20
N ILE B 172 4.84 -5.42 -36.05
CA ILE B 172 5.15 -6.80 -35.72
C ILE B 172 4.24 -7.73 -36.50
N PRO B 173 4.81 -8.73 -37.19
CA PRO B 173 3.94 -9.66 -37.91
C PRO B 173 2.99 -10.32 -36.93
N VAL B 174 1.75 -10.55 -37.36
CA VAL B 174 0.73 -11.03 -36.42
C VAL B 174 1.12 -12.35 -35.75
N GLU B 175 1.89 -13.19 -36.44
CA GLU B 175 2.28 -14.45 -35.91
C GLU B 175 3.20 -14.28 -34.70
N LEU B 176 3.83 -13.11 -34.55
CA LEU B 176 4.78 -12.86 -33.47
C LEU B 176 4.20 -12.01 -32.33
N LEU B 177 2.94 -11.61 -32.47
CA LEU B 177 2.23 -10.99 -31.34
C LEU B 177 1.84 -12.12 -30.37
N PRO B 178 1.26 -11.77 -29.20
CA PRO B 178 0.98 -12.82 -28.21
C PRO B 178 0.01 -13.82 -28.80
N ARG B 179 0.39 -15.10 -28.67
CA ARG B 179 -0.36 -16.21 -29.18
C ARG B 179 -0.82 -17.17 -28.10
N CYS B 180 -1.90 -17.89 -28.41
CA CYS B 180 -2.47 -18.91 -27.52
C CYS B 180 -1.56 -20.14 -27.39
N GLU B 181 -1.41 -20.61 -26.16
CA GLU B 181 -0.42 -21.62 -25.84
C GLU B 181 -1.04 -23.00 -25.62
N ARG B 182 -2.26 -23.18 -26.11
CA ARG B 182 -2.90 -24.48 -26.36
C ARG B 182 -2.29 -25.07 -27.63
N LYS B 183 -1.60 -26.23 -27.61
CA LYS B 183 -0.87 -26.74 -28.81
C LYS B 183 -1.85 -26.84 -30.00
N SER B 184 -3.08 -27.23 -29.70
CA SER B 184 -4.12 -27.38 -30.72
C SER B 184 -4.47 -26.05 -31.46
N CYS B 185 -4.27 -24.92 -30.79
CA CYS B 185 -4.92 -23.67 -31.21
C CYS B 185 -3.91 -22.73 -31.83
N ASN B 186 -3.05 -22.17 -30.99
CA ASN B 186 -2.13 -21.06 -31.38
C ASN B 186 -2.71 -19.69 -31.90
N GLY B 187 -3.98 -19.44 -31.53
CA GLY B 187 -4.70 -18.24 -31.97
C GLY B 187 -4.11 -16.92 -31.49
N LEU B 188 -4.42 -15.83 -32.19
CA LEU B 188 -3.99 -14.50 -31.75
C LEU B 188 -4.70 -14.10 -30.45
N LEU B 189 -3.92 -13.67 -29.45
CA LEU B 189 -4.53 -13.18 -28.21
C LEU B 189 -4.90 -11.72 -28.32
N ARG B 190 -5.95 -11.34 -27.61
CA ARG B 190 -6.26 -9.91 -27.41
C ARG B 190 -6.28 -9.61 -25.93
N PRO B 191 -6.11 -8.32 -25.54
CA PRO B 191 -6.35 -8.02 -24.10
C PRO B 191 -7.77 -8.35 -23.70
N HIS B 192 -7.97 -8.92 -22.50
CA HIS B 192 -9.28 -9.26 -22.03
C HIS B 192 -9.85 -8.05 -21.32
N VAL B 193 -10.15 -7.03 -22.13
CA VAL B 193 -10.71 -5.77 -21.66
C VAL B 193 -11.93 -5.49 -22.50
N VAL B 194 -12.94 -4.87 -21.89
CA VAL B 194 -14.11 -4.41 -22.63
C VAL B 194 -13.75 -3.15 -23.39
N TRP B 195 -13.96 -3.21 -24.70
CA TRP B 195 -13.68 -2.08 -25.55
C TRP B 195 -14.92 -1.23 -25.84
N PHE B 196 -14.67 -0.03 -26.39
CA PHE B 196 -15.75 0.84 -26.91
C PHE B 196 -16.51 0.06 -27.96
N GLY B 197 -17.84 0.04 -27.81
CA GLY B 197 -18.69 -0.78 -28.63
C GLY B 197 -18.98 -2.19 -28.11
N GLU B 198 -18.44 -2.59 -26.97
CA GLU B 198 -18.62 -3.98 -26.52
C GLU B 198 -19.50 -4.05 -25.26
N THR B 199 -20.26 -5.12 -25.14
CA THR B 199 -21.17 -5.32 -24.03
C THR B 199 -20.45 -6.01 -22.89
N LEU B 200 -20.86 -5.64 -21.71
CA LEU B 200 -20.36 -6.24 -20.49
C LEU B 200 -20.74 -7.70 -20.43
N ASP B 201 -19.94 -8.50 -19.72
CA ASP B 201 -20.16 -9.96 -19.72
C ASP B 201 -21.43 -10.26 -18.94
N SER B 202 -22.35 -11.03 -19.51
CA SER B 202 -23.56 -11.41 -18.77
C SER B 202 -23.40 -12.11 -17.44
N ASP B 203 -22.42 -13.02 -17.36
CA ASP B 203 -22.15 -13.82 -16.16
C ASP B 203 -21.69 -12.86 -15.07
N ILE B 204 -20.86 -11.88 -15.46
CA ILE B 204 -20.35 -10.95 -14.46
C ILE B 204 -21.50 -10.10 -13.92
N LEU B 205 -22.33 -9.61 -14.84
CA LEU B 205 -23.47 -8.82 -14.42
C LEU B 205 -24.44 -9.58 -13.56
N THR B 206 -24.65 -10.87 -13.84
CA THR B 206 -25.52 -11.64 -12.93
C THR B 206 -24.94 -11.74 -11.53
N ALA B 207 -23.61 -11.91 -11.42
CA ALA B 207 -22.95 -11.94 -10.10
C ALA B 207 -23.07 -10.62 -9.38
N VAL B 208 -22.84 -9.55 -10.14
CA VAL B 208 -22.97 -8.20 -9.60
C VAL B 208 -24.41 -8.02 -9.10
N GLU B 209 -25.40 -8.46 -9.85
CA GLU B 209 -26.79 -8.23 -9.43
C GLU B 209 -27.07 -8.95 -8.10
N ARG B 210 -26.57 -10.16 -7.98
CA ARG B 210 -26.72 -10.93 -6.73
C ARG B 210 -26.08 -10.18 -5.52
N GLU B 211 -24.86 -9.66 -5.71
CA GLU B 211 -24.21 -8.97 -4.62
C GLU B 211 -24.97 -7.68 -4.29
N LEU B 212 -25.40 -6.94 -5.30
CA LEU B 212 -26.08 -5.68 -5.05
C LEU B 212 -27.40 -5.93 -4.36
N GLU B 213 -28.07 -7.03 -4.69
CA GLU B 213 -29.38 -7.34 -4.07
C GLU B 213 -29.25 -7.73 -2.64
N LYS B 214 -28.09 -8.27 -2.25
CA LYS B 214 -27.82 -8.64 -0.84
C LYS B 214 -27.24 -7.49 0.03
N CYS B 215 -26.59 -6.57 -0.63
CA CYS B 215 -25.92 -5.53 0.11
C CYS B 215 -26.84 -4.58 0.88
N ASP B 216 -26.36 -4.01 1.99
CA ASP B 216 -27.15 -3.09 2.78
C ASP B 216 -26.44 -1.77 2.97
N LEU B 217 -25.38 -1.54 2.20
CA LEU B 217 -24.70 -0.25 2.18
C LEU B 217 -23.84 -0.24 0.94
N CYS B 218 -23.79 0.88 0.23
CA CYS B 218 -23.06 0.93 -0.99
C CYS B 218 -22.24 2.22 -1.03
N LEU B 219 -20.98 2.11 -1.45
CA LEU B 219 -20.07 3.26 -1.56
C LEU B 219 -19.70 3.39 -3.00
N VAL B 220 -19.57 4.61 -3.46
CA VAL B 220 -19.26 4.88 -4.83
C VAL B 220 -18.03 5.78 -4.82
N VAL B 221 -16.92 5.25 -5.28
CA VAL B 221 -15.60 5.85 -5.05
C VAL B 221 -14.87 6.23 -6.31
N GLY B 222 -14.46 7.49 -6.43
CA GLY B 222 -13.71 7.90 -7.68
C GLY B 222 -14.57 7.75 -8.95
N THR B 223 -15.86 8.01 -8.79
CA THR B 223 -16.74 8.29 -9.89
C THR B 223 -18.03 8.77 -9.20
N SER B 224 -19.07 8.96 -9.99
CA SER B 224 -20.35 9.45 -9.50
C SER B 224 -21.48 8.43 -9.64
N SER B 225 -22.34 8.39 -8.63
CA SER B 225 -23.48 7.47 -8.64
C SER B 225 -24.39 7.73 -9.81
N ILE B 226 -24.39 8.92 -10.45
CA ILE B 226 -25.28 9.25 -11.56
C ILE B 226 -24.62 9.30 -12.96
N VAL B 227 -23.31 9.12 -13.00
CA VAL B 227 -22.59 8.96 -14.27
C VAL B 227 -22.43 7.49 -14.50
N TYR B 228 -22.15 7.08 -15.71
CA TYR B 228 -22.12 5.66 -16.16
C TYR B 228 -20.69 5.15 -16.17
N PRO B 229 -20.43 3.87 -15.89
CA PRO B 229 -21.41 2.84 -15.64
C PRO B 229 -21.89 2.77 -14.19
N ALA B 230 -21.32 3.59 -13.31
CA ALA B 230 -21.76 3.50 -11.89
C ALA B 230 -23.30 3.67 -11.75
N ALA B 231 -23.90 4.50 -12.59
CA ALA B 231 -25.33 4.76 -12.61
C ALA B 231 -26.16 3.52 -12.76
N MET B 232 -25.58 2.42 -13.26
CA MET B 232 -26.27 1.11 -13.39
C MET B 232 -26.50 0.34 -12.10
N PHE B 233 -25.60 0.61 -11.20
CA PHE B 233 -25.65 -0.08 -9.93
C PHE B 233 -26.30 0.80 -8.84
N ALA B 234 -25.72 1.97 -8.60
CA ALA B 234 -25.99 2.62 -7.33
C ALA B 234 -27.42 3.10 -7.20
N PRO B 235 -27.98 3.68 -8.27
CA PRO B 235 -29.41 4.04 -8.21
C PRO B 235 -30.34 2.88 -7.85
N GLN B 236 -30.04 1.70 -8.38
CA GLN B 236 -30.85 0.50 -8.07
C GLN B 236 -30.85 0.25 -6.58
N VAL B 237 -29.66 0.34 -6.00
CA VAL B 237 -29.57 0.08 -4.57
C VAL B 237 -30.25 1.18 -3.75
N ALA B 238 -30.02 2.44 -4.11
CA ALA B 238 -30.63 3.56 -3.40
C ALA B 238 -32.12 3.49 -3.42
N SER B 239 -32.70 3.07 -4.55
CA SER B 239 -34.15 3.04 -4.67
C SER B 239 -34.81 1.90 -3.84
N ARG B 240 -34.00 0.95 -3.35
CA ARG B 240 -34.48 -0.08 -2.41
C ARG B 240 -34.40 0.46 -0.96
N GLY B 241 -33.93 1.70 -0.82
CA GLY B 241 -33.79 2.39 0.47
C GLY B 241 -32.47 2.11 1.16
N VAL B 242 -31.47 1.67 0.42
CA VAL B 242 -30.16 1.37 0.98
C VAL B 242 -29.29 2.62 0.88
N PRO B 243 -28.55 2.95 1.96
CA PRO B 243 -27.78 4.17 1.87
C PRO B 243 -26.64 4.06 0.89
N VAL B 244 -26.37 5.19 0.21
CA VAL B 244 -25.29 5.30 -0.74
C VAL B 244 -24.39 6.46 -0.35
N ALA B 245 -23.08 6.21 -0.37
CA ALA B 245 -22.10 7.23 0.01
C ALA B 245 -21.11 7.44 -1.10
N GLU B 246 -21.02 8.67 -1.59
CA GLU B 246 -20.08 8.98 -2.67
C GLU B 246 -18.79 9.54 -2.10
N PHE B 247 -17.64 9.04 -2.57
CA PHE B 247 -16.36 9.67 -2.29
C PHE B 247 -15.74 10.09 -3.60
N ASN B 248 -15.70 11.38 -3.89
CA ASN B 248 -15.12 11.83 -5.14
C ASN B 248 -14.78 13.29 -5.05
N MET B 249 -13.94 13.68 -5.96
CA MET B 249 -13.39 14.99 -5.95
C MET B 249 -14.12 15.57 -7.09
N GLU B 250 -15.46 15.52 -7.13
CA GLU B 250 -16.19 16.07 -8.36
C GLU B 250 -17.13 17.28 -8.31
N CYS B 251 -17.36 17.82 -7.13
CA CYS B 251 -18.09 19.06 -7.01
C CYS B 251 -19.61 18.88 -7.19
N LYS B 259 -26.93 10.94 -1.37
CA LYS B 259 -27.49 10.86 -0.01
C LYS B 259 -26.40 11.16 1.01
N TYR B 260 -25.21 10.53 0.85
CA TYR B 260 -24.00 11.09 1.54
C TYR B 260 -22.90 11.35 0.52
N HIS B 261 -22.16 12.43 0.74
CA HIS B 261 -21.12 12.85 -0.20
C HIS B 261 -19.97 13.40 0.56
N PHE B 262 -18.80 12.80 0.33
CA PHE B 262 -17.53 13.26 0.93
C PHE B 262 -16.64 13.74 -0.18
N GLU B 263 -16.51 15.06 -0.28
CA GLU B 263 -15.78 15.70 -1.37
C GLU B 263 -14.28 15.73 -1.08
N GLY B 264 -13.51 15.24 -2.03
CA GLY B 264 -12.06 15.34 -1.99
C GLY B 264 -11.38 14.09 -2.51
N PRO B 265 -10.05 14.04 -2.44
CA PRO B 265 -9.35 12.84 -2.90
C PRO B 265 -9.69 11.68 -2.00
N CYS B 266 -10.05 10.55 -2.60
CA CYS B 266 -10.53 9.41 -1.81
C CYS B 266 -9.44 8.79 -0.94
N GLY B 267 -8.18 9.02 -1.29
CA GLY B 267 -7.08 8.56 -0.43
C GLY B 267 -7.00 9.36 0.88
N SER B 268 -7.64 10.53 0.94
CA SER B 268 -7.80 11.27 2.18
C SER B 268 -9.09 10.93 2.89
N THR B 269 -10.20 10.85 2.16
CA THR B 269 -11.49 10.70 2.83
C THR B 269 -11.75 9.23 3.36
N LEU B 270 -11.32 8.32 2.49
CA LEU B 270 -11.80 6.99 2.68
C LEU B 270 -11.14 6.25 3.86
N PRO B 271 -9.81 6.42 4.09
CA PRO B 271 -9.26 5.69 5.22
C PRO B 271 -9.92 6.15 6.52
N PRO B 272 -10.24 7.48 6.62
CA PRO B 272 -10.94 7.94 7.85
C PRO B 272 -12.34 7.37 7.94
N ALA B 273 -13.09 7.38 6.83
CA ALA B 273 -14.43 6.82 6.84
C ALA B 273 -14.52 5.31 7.20
N LEU B 274 -13.54 4.54 6.72
CA LEU B 274 -13.58 3.09 6.86
C LEU B 274 -12.80 2.50 8.03
N GLU B 275 -12.21 3.37 8.86
CA GLU B 275 -11.49 2.93 10.11
C GLU B 275 -11.94 1.72 10.98
N GLY C 2 24.89 -3.73 25.48
CA GLY C 2 23.84 -3.75 24.41
C GLY C 2 23.74 -2.34 23.94
N VAL C 3 23.31 -2.20 22.68
CA VAL C 3 23.28 -0.89 22.06
C VAL C 3 22.16 -0.04 22.66
N LEU C 4 22.52 1.05 23.31
CA LEU C 4 21.55 2.02 23.75
C LEU C 4 20.84 2.64 22.57
N LYS C 5 19.52 2.58 22.62
CA LYS C 5 18.67 3.28 21.67
C LYS C 5 19.24 4.68 21.40
N GLU C 6 19.59 4.94 20.16
CA GLU C 6 20.08 6.26 19.75
C GLU C 6 21.36 6.67 20.48
N TYR C 7 22.17 5.66 20.77
CA TYR C 7 23.43 5.82 21.48
C TYR C 7 23.27 6.49 22.88
N GLY C 8 22.06 6.48 23.45
CA GLY C 8 21.77 7.22 24.65
C GLY C 8 21.75 8.75 24.54
N VAL C 9 21.85 9.31 23.34
CA VAL C 9 22.03 10.79 23.14
C VAL C 9 20.95 11.61 23.83
#